data_2XPC
#
_entry.id   2XPC
#
_cell.length_a   65.659
_cell.length_b   65.659
_cell.length_c   135.642
_cell.angle_alpha   90.00
_cell.angle_beta   90.00
_cell.angle_gamma   90.00
#
_symmetry.space_group_name_H-M   'P 41'
#
loop_
_entity.id
_entity.type
_entity.pdbx_description
1 polymer 'UDP-N-ACETYLMURAMOYLALANINE--D-GLUTAMATE LIGASE'
2 non-polymer '(1R,3R,4S)-4-[({6-[(4-CYANO-2-FLUOROBENZYL)OXY]NAPHTHALEN-2-YL}SULFONYL)AMINO]CYCLOHEXANE-1,3-DICARBOXYLIC ACID'
3 non-polymer 'DIMETHYL SULFOXIDE'
4 non-polymer 'SULFATE ION'
5 non-polymer 'CHLORIDE ION'
6 water water
#
_entity_poly.entity_id   1
_entity_poly.type   'polypeptide(L)'
_entity_poly.pdbx_seq_one_letter_code
;ADYQGKNVVIIGLGLTGLSCVDFFLARGVTPRVMDTRMTPPGLDKLPEAVERHTGSLNDEWLMAADLIVASPGIALAHPS
LSAAADAGIEIVGDIELFCREAQAPIVAITGSNGKSTVTTLVGEMAKAAGVNVGVGGNIGLPALMLLDDECELYVLELSS
FQLETTSSLQAVAATILNVTEDHMDRYPFGLQQYRAA(KCX)LRIYENAKVCVVNADDALTMPIRGADERCVSFGVNMGD
YHLNHQQGETWLRVKGEKVLNVKEMKLSGQHNYTNALAALALADAAGLPRASSLKALTTFTGLPHRFEVVLEHNGVRWIN
DSKATNVGSTEAALNGLHVDGTLHLLLGGDGKSADFSPLARYLNGDNVRLYCFGRDGAQLAALRPEVAEQTETMEQAMRL
LAPRVQPGDMVLLSPACASLDQFKNFEQRGNEFARLAKELGSH
;
_entity_poly.pdbx_strand_id   A
#
# COMPACT_ATOMS: atom_id res chain seq x y z
N ALA A 1 7.69 14.19 -23.73
CA ALA A 1 8.69 15.08 -23.09
C ALA A 1 10.04 14.80 -23.72
N ASP A 2 10.89 15.83 -23.79
CA ASP A 2 12.21 15.65 -24.36
C ASP A 2 13.26 16.11 -23.34
N TYR A 3 14.14 15.20 -22.93
CA TYR A 3 15.06 15.48 -21.84
C TYR A 3 16.47 15.77 -22.36
N GLN A 4 16.63 15.74 -23.68
CA GLN A 4 17.97 15.85 -24.25
C GLN A 4 18.62 17.14 -23.81
N GLY A 5 19.87 17.04 -23.35
CA GLY A 5 20.62 18.22 -22.96
C GLY A 5 20.42 18.70 -21.54
N LYS A 6 19.46 18.10 -20.84
CA LYS A 6 19.13 18.55 -19.50
C LYS A 6 20.08 18.01 -18.43
N ASN A 7 20.27 18.80 -17.39
CA ASN A 7 20.98 18.39 -16.17
C ASN A 7 19.94 17.83 -15.19
N VAL A 8 19.96 16.51 -15.06
CA VAL A 8 18.93 15.79 -14.32
C VAL A 8 19.53 15.22 -13.03
N VAL A 9 18.85 15.42 -11.91
CA VAL A 9 19.34 14.86 -10.65
C VAL A 9 18.25 13.98 -10.10
N ILE A 10 18.62 12.76 -9.72
CA ILE A 10 17.69 11.78 -9.16
C ILE A 10 18.01 11.65 -7.68
N ILE A 11 16.99 11.82 -6.82
CA ILE A 11 17.18 11.66 -5.38
C ILE A 11 16.55 10.33 -4.97
N GLY A 12 17.39 9.43 -4.46
CA GLY A 12 16.97 8.07 -4.05
C GLY A 12 17.39 7.00 -5.06
N LEU A 13 18.06 5.95 -4.57
CA LEU A 13 18.42 4.84 -5.48
C LEU A 13 17.42 3.68 -5.32
N GLY A 14 17.89 2.48 -4.99
CA GLY A 14 17.04 1.29 -4.98
C GLY A 14 16.50 1.02 -6.38
N LEU A 15 15.60 0.03 -6.48
CA LEU A 15 15.07 -0.39 -7.78
C LEU A 15 14.36 0.74 -8.53
N THR A 16 13.67 1.61 -7.79
CA THR A 16 12.97 2.70 -8.44
C THR A 16 13.94 3.75 -8.93
N GLY A 17 14.92 4.10 -8.11
CA GLY A 17 15.90 5.10 -8.53
C GLY A 17 16.66 4.53 -9.69
N LEU A 18 16.99 3.22 -9.64
CA LEU A 18 17.61 2.59 -10.80
C LEU A 18 16.75 2.66 -12.02
N SER A 19 15.43 2.51 -11.87
CA SER A 19 14.61 2.53 -13.06
C SER A 19 14.67 3.92 -13.65
N CYS A 20 14.78 4.94 -12.80
CA CYS A 20 14.92 6.32 -13.31
C CYS A 20 16.27 6.54 -14.00
N VAL A 21 17.34 6.04 -13.39
CA VAL A 21 18.64 6.10 -14.03
C VAL A 21 18.57 5.47 -15.42
N ASP A 22 18.02 4.27 -15.48
CA ASP A 22 17.98 3.56 -16.75
C ASP A 22 17.09 4.29 -17.78
N PHE A 23 16.02 4.91 -17.29
CA PHE A 23 15.09 5.64 -18.16
C PHE A 23 15.85 6.77 -18.87
N PHE A 24 16.63 7.56 -18.12
CA PHE A 24 17.36 8.66 -18.74
C PHE A 24 18.51 8.18 -19.64
N LEU A 25 19.26 7.19 -19.17
CA LEU A 25 20.39 6.71 -19.96
C LEU A 25 19.89 6.23 -21.34
N ALA A 26 18.73 5.57 -21.37
CA ALA A 26 18.21 4.98 -22.59
C ALA A 26 17.77 6.05 -23.57
N ARG A 27 17.63 7.27 -23.05
CA ARG A 27 17.26 8.45 -23.82
C ARG A 27 18.46 9.38 -24.05
N GLY A 28 19.67 8.89 -23.75
CA GLY A 28 20.90 9.62 -24.06
C GLY A 28 21.12 10.79 -23.12
N VAL A 29 20.68 10.61 -21.88
CA VAL A 29 20.84 11.65 -20.87
C VAL A 29 21.50 10.97 -19.67
N THR A 30 22.66 11.49 -19.24
CA THR A 30 23.33 10.89 -18.07
C THR A 30 22.94 11.71 -16.84
N PRO A 31 22.15 11.11 -15.96
CA PRO A 31 21.73 11.87 -14.77
C PRO A 31 22.78 11.75 -13.66
N ARG A 32 22.61 12.50 -12.59
CA ARG A 32 23.41 12.29 -11.37
C ARG A 32 22.45 11.82 -10.30
N VAL A 33 22.97 11.04 -9.35
CA VAL A 33 22.14 10.46 -8.29
C VAL A 33 22.65 10.86 -6.90
N MET A 34 21.73 11.19 -6.00
CA MET A 34 22.09 11.41 -4.61
C MET A 34 21.14 10.65 -3.69
N ASP A 35 21.59 10.32 -2.49
CA ASP A 35 20.75 9.60 -1.53
C ASP A 35 21.32 9.97 -0.18
N THR A 36 20.44 10.27 0.77
CA THR A 36 20.86 10.58 2.14
C THR A 36 21.46 9.35 2.85
N ARG A 37 21.22 8.13 2.34
CA ARG A 37 21.86 6.90 2.89
C ARG A 37 23.29 6.71 2.34
N MET A 38 24.25 6.34 3.19
CA MET A 38 25.64 6.23 2.73
CA MET A 38 25.64 6.19 2.74
C MET A 38 25.77 5.13 1.67
N THR A 39 25.12 3.99 1.90
CA THR A 39 25.25 2.87 1.01
C THR A 39 23.86 2.39 0.58
N PRO A 40 23.18 3.16 -0.30
CA PRO A 40 21.80 2.74 -0.54
C PRO A 40 21.69 1.49 -1.40
N PRO A 41 20.51 0.84 -1.36
CA PRO A 41 20.38 -0.38 -2.14
C PRO A 41 20.55 -0.09 -3.64
N GLY A 42 21.16 -1.01 -4.37
CA GLY A 42 21.38 -0.78 -5.81
C GLY A 42 22.65 -0.01 -6.19
N LEU A 43 23.37 0.46 -5.19
CA LEU A 43 24.61 1.19 -5.45
C LEU A 43 25.57 0.37 -6.32
N ASP A 44 25.76 -0.90 -5.98
CA ASP A 44 26.67 -1.71 -6.77
C ASP A 44 26.18 -1.92 -8.20
N LYS A 45 24.91 -1.62 -8.44
CA LYS A 45 24.34 -1.82 -9.77
C LYS A 45 24.36 -0.53 -10.60
N LEU A 46 24.74 0.58 -9.97
CA LEU A 46 24.78 1.86 -10.67
C LEU A 46 26.02 1.88 -11.56
N PRO A 47 25.84 2.09 -12.87
CA PRO A 47 27.04 2.15 -13.73
C PRO A 47 28.01 3.23 -13.25
N GLU A 48 29.31 3.01 -13.39
CA GLU A 48 30.30 3.94 -12.85
C GLU A 48 30.30 5.27 -13.61
N ALA A 49 29.81 5.26 -14.84
CA ALA A 49 29.62 6.54 -15.55
C ALA A 49 28.63 7.51 -14.86
N VAL A 50 27.73 7.01 -14.01
CA VAL A 50 26.74 7.87 -13.35
C VAL A 50 27.36 8.40 -12.06
N GLU A 51 27.57 9.70 -12.01
CA GLU A 51 28.08 10.34 -10.79
C GLU A 51 27.05 10.17 -9.66
N ARG A 52 27.56 9.90 -8.46
CA ARG A 52 26.67 9.78 -7.31
C ARG A 52 27.28 10.44 -6.08
N HIS A 53 26.36 10.89 -5.21
CA HIS A 53 26.69 11.57 -3.94
C HIS A 53 25.82 10.93 -2.87
N THR A 54 26.44 10.25 -1.92
CA THR A 54 25.65 9.55 -0.94
C THR A 54 25.96 10.00 0.46
N GLY A 55 25.05 9.69 1.38
CA GLY A 55 25.21 10.06 2.77
C GLY A 55 24.64 11.40 3.16
N SER A 56 24.12 12.17 2.19
CA SER A 56 23.55 13.50 2.41
C SER A 56 22.99 14.00 1.08
N LEU A 57 22.25 15.10 1.09
CA LEU A 57 21.89 15.75 -0.19
C LEU A 57 23.04 16.67 -0.57
N ASN A 58 23.17 16.95 -1.87
CA ASN A 58 24.17 17.89 -2.38
C ASN A 58 23.43 19.08 -3.00
N ASP A 59 23.45 20.23 -2.30
CA ASP A 59 22.74 21.40 -2.75
C ASP A 59 23.37 22.05 -3.97
N GLU A 60 24.67 21.87 -4.16
CA GLU A 60 25.31 22.34 -5.40
C GLU A 60 24.69 21.62 -6.59
N TRP A 61 24.60 20.30 -6.51
CA TRP A 61 23.93 19.57 -7.61
C TRP A 61 22.44 19.92 -7.76
N LEU A 62 21.68 20.05 -6.67
CA LEU A 62 20.25 20.33 -6.78
C LEU A 62 20.04 21.71 -7.42
N MET A 63 20.77 22.74 -6.94
CA MET A 63 20.57 24.10 -7.44
C MET A 63 21.09 24.29 -8.87
N ALA A 64 21.90 23.33 -9.36
CA ALA A 64 22.42 23.35 -10.73
C ALA A 64 21.49 22.64 -11.73
N ALA A 65 20.50 21.94 -11.21
CA ALA A 65 19.72 21.01 -12.03
C ALA A 65 18.73 21.73 -12.90
N ASP A 66 18.41 21.13 -14.04
CA ASP A 66 17.22 21.53 -14.83
C ASP A 66 15.96 20.74 -14.43
N LEU A 67 16.15 19.54 -13.91
CA LEU A 67 15.05 18.66 -13.52
C LEU A 67 15.53 17.81 -12.35
N ILE A 68 14.73 17.81 -11.30
CA ILE A 68 15.01 16.95 -10.14
C ILE A 68 13.93 15.87 -10.10
N VAL A 69 14.37 14.64 -10.01
CA VAL A 69 13.42 13.49 -9.97
C VAL A 69 13.50 12.92 -8.55
N ALA A 70 12.45 13.19 -7.76
CA ALA A 70 12.52 12.90 -6.32
C ALA A 70 11.79 11.60 -6.00
N SER A 71 12.49 10.69 -5.32
CA SER A 71 11.81 9.50 -4.83
C SER A 71 10.65 9.92 -3.92
N PRO A 72 9.62 9.09 -3.82
CA PRO A 72 8.55 9.45 -2.89
C PRO A 72 9.04 9.43 -1.44
N GLY A 73 10.20 8.81 -1.19
CA GLY A 73 10.76 8.71 0.15
C GLY A 73 11.44 9.97 0.69
N ILE A 74 11.49 11.04 -0.11
CA ILE A 74 12.03 12.34 0.36
C ILE A 74 10.88 13.35 0.33
N ALA A 75 10.70 14.12 1.41
CA ALA A 75 9.63 15.12 1.42
C ALA A 75 9.90 16.29 0.49
N LEU A 76 8.89 16.72 -0.26
CA LEU A 76 9.03 18.00 -0.99
C LEU A 76 9.33 19.13 -0.03
N ALA A 77 8.91 19.01 1.23
CA ALA A 77 9.12 20.10 2.18
C ALA A 77 10.55 20.09 2.74
N HIS A 78 11.41 19.14 2.32
CA HIS A 78 12.80 19.13 2.78
C HIS A 78 13.41 20.49 2.36
N PRO A 79 14.15 21.16 3.26
CA PRO A 79 14.68 22.50 2.94
C PRO A 79 15.43 22.57 1.62
N SER A 80 16.13 21.51 1.26
CA SER A 80 16.95 21.51 0.04
C SER A 80 16.05 21.48 -1.20
N LEU A 81 14.95 20.72 -1.11
CA LEU A 81 13.98 20.68 -2.20
C LEU A 81 13.10 21.91 -2.30
N SER A 82 12.72 22.47 -1.14
CA SER A 82 11.95 23.71 -1.16
C SER A 82 12.80 24.88 -1.70
N ALA A 83 14.10 24.88 -1.41
CA ALA A 83 14.97 25.91 -2.05
C ALA A 83 15.01 25.76 -3.59
N ALA A 84 15.14 24.53 -4.09
CA ALA A 84 15.16 24.31 -5.53
C ALA A 84 13.80 24.73 -6.14
N ALA A 85 12.69 24.34 -5.49
CA ALA A 85 11.38 24.77 -5.98
C ALA A 85 11.21 26.28 -6.02
N ASP A 86 11.68 26.96 -4.99
CA ASP A 86 11.58 28.42 -4.94
C ASP A 86 12.36 29.09 -6.07
N ALA A 87 13.42 28.42 -6.51
CA ALA A 87 14.24 28.86 -7.63
C ALA A 87 13.66 28.51 -8.99
N GLY A 88 12.49 27.87 -9.00
CA GLY A 88 11.83 27.52 -10.25
C GLY A 88 12.35 26.25 -10.91
N ILE A 89 13.06 25.42 -10.16
CA ILE A 89 13.60 24.18 -10.72
C ILE A 89 12.51 23.13 -10.66
N GLU A 90 12.22 22.56 -11.83
CA GLU A 90 11.15 21.56 -11.95
C GLU A 90 11.45 20.30 -11.13
N ILE A 91 10.47 19.83 -10.34
CA ILE A 91 10.62 18.60 -9.50
C ILE A 91 9.45 17.69 -9.90
N VAL A 92 9.81 16.48 -10.25
CA VAL A 92 8.83 15.44 -10.58
C VAL A 92 9.25 14.14 -9.89
N GLY A 93 8.42 13.13 -10.00
CA GLY A 93 8.83 11.77 -9.59
C GLY A 93 8.71 10.76 -10.72
N ASP A 94 9.00 9.50 -10.42
CA ASP A 94 8.95 8.47 -11.45
C ASP A 94 7.57 8.29 -12.11
N ILE A 95 6.51 8.41 -11.30
CA ILE A 95 5.15 8.26 -11.83
C ILE A 95 4.85 9.37 -12.85
N GLU A 96 5.29 10.61 -12.58
CA GLU A 96 5.18 11.67 -13.59
C GLU A 96 5.91 11.34 -14.90
N LEU A 97 7.14 10.85 -14.79
CA LEU A 97 7.87 10.46 -15.97
C LEU A 97 7.13 9.36 -16.75
N PHE A 98 6.55 8.41 -16.02
CA PHE A 98 5.78 7.33 -16.64
C PHE A 98 4.54 7.87 -17.37
N CYS A 99 3.80 8.75 -16.69
CA CYS A 99 2.54 9.23 -17.29
C CYS A 99 2.79 10.00 -18.58
N ARG A 100 3.92 10.72 -18.65
CA ARG A 100 4.27 11.46 -19.88
C ARG A 100 4.58 10.58 -21.09
N GLU A 101 4.93 9.33 -20.81
CA GLU A 101 5.26 8.35 -21.86
C GLU A 101 4.24 7.28 -22.19
N ALA A 102 3.38 6.96 -21.21
CA ALA A 102 2.49 5.81 -21.36
C ALA A 102 1.61 5.93 -22.59
N GLN A 103 1.48 4.83 -23.33
CA GLN A 103 0.63 4.79 -24.54
C GLN A 103 -0.55 3.83 -24.41
N ALA A 104 -0.93 3.54 -23.18
CA ALA A 104 -2.17 2.83 -22.89
C ALA A 104 -2.86 3.51 -21.74
N PRO A 105 -4.18 3.29 -21.61
CA PRO A 105 -4.90 3.85 -20.46
C PRO A 105 -4.36 3.37 -19.11
N ILE A 106 -4.54 4.22 -18.11
CA ILE A 106 -4.07 3.92 -16.76
C ILE A 106 -5.25 3.92 -15.82
N VAL A 107 -5.37 2.82 -15.07
CA VAL A 107 -6.25 2.76 -13.89
C VAL A 107 -5.35 3.06 -12.68
N ALA A 108 -5.76 4.01 -11.84
CA ALA A 108 -4.87 4.49 -10.75
C ALA A 108 -5.60 4.37 -9.40
N ILE A 109 -4.94 3.71 -8.43
CA ILE A 109 -5.57 3.35 -7.16
C ILE A 109 -4.72 3.86 -6.01
N THR A 110 -5.34 4.61 -5.10
CA THR A 110 -4.71 4.99 -3.85
C THR A 110 -5.70 4.77 -2.69
N GLY A 111 -5.22 5.08 -1.49
CA GLY A 111 -6.03 4.88 -0.28
C GLY A 111 -5.15 4.43 0.87
N SER A 112 -5.67 4.57 2.09
CA SER A 112 -4.90 4.18 3.26
C SER A 112 -4.83 2.66 3.44
N ASN A 113 -5.85 1.97 2.97
CA ASN A 113 -5.91 0.47 3.11
C ASN A 113 -6.57 -0.07 1.84
N GLY A 114 -6.14 -1.25 1.41
CA GLY A 114 -6.80 -1.93 0.30
C GLY A 114 -6.17 -1.70 -1.07
N LYS A 115 -5.21 -0.79 -1.14
CA LYS A 115 -4.78 -0.39 -2.48
C LYS A 115 -4.05 -1.52 -3.22
N SER A 116 -3.28 -2.34 -2.53
CA SER A 116 -2.58 -3.43 -3.25
C SER A 116 -3.55 -4.50 -3.72
N THR A 117 -4.51 -4.85 -2.86
CA THR A 117 -5.54 -5.83 -3.20
C THR A 117 -6.37 -5.36 -4.37
N VAL A 118 -6.83 -4.11 -4.36
CA VAL A 118 -7.62 -3.60 -5.46
C VAL A 118 -6.79 -3.53 -6.77
N THR A 119 -5.54 -3.04 -6.69
CA THR A 119 -4.66 -2.97 -7.87
C THR A 119 -4.47 -4.36 -8.47
N THR A 120 -4.16 -5.31 -7.60
CA THR A 120 -3.94 -6.68 -8.09
C THR A 120 -5.22 -7.28 -8.69
N LEU A 121 -6.35 -7.04 -8.05
CA LEU A 121 -7.62 -7.56 -8.56
C LEU A 121 -7.92 -6.97 -9.93
N VAL A 122 -7.76 -5.66 -10.12
CA VAL A 122 -8.05 -5.12 -11.46
C VAL A 122 -7.09 -5.74 -12.49
N GLY A 123 -5.81 -5.93 -12.10
CA GLY A 123 -4.85 -6.64 -12.97
C GLY A 123 -5.37 -8.01 -13.40
N GLU A 124 -5.88 -8.77 -12.43
CA GLU A 124 -6.39 -10.10 -12.73
C GLU A 124 -7.64 -10.05 -13.60
N MET A 125 -8.47 -9.03 -13.40
CA MET A 125 -9.64 -8.84 -14.26
C MET A 125 -9.22 -8.59 -15.72
N ALA A 126 -8.16 -7.81 -15.89
CA ALA A 126 -7.63 -7.55 -17.24
C ALA A 126 -7.01 -8.80 -17.87
N LYS A 127 -6.22 -9.55 -17.12
CA LYS A 127 -5.69 -10.82 -17.59
C LYS A 127 -6.77 -11.82 -18.03
N ALA A 128 -7.85 -11.90 -17.25
CA ALA A 128 -8.95 -12.82 -17.56
C ALA A 128 -9.70 -12.44 -18.85
N ALA A 129 -9.61 -11.16 -19.23
CA ALA A 129 -10.15 -10.67 -20.51
C ALA A 129 -9.16 -10.81 -21.67
N GLY A 130 -7.96 -11.30 -21.37
CA GLY A 130 -6.91 -11.52 -22.38
C GLY A 130 -6.20 -10.23 -22.76
N VAL A 131 -6.28 -9.23 -21.88
CA VAL A 131 -5.66 -7.93 -22.14
C VAL A 131 -4.20 -7.98 -21.67
N ASN A 132 -3.30 -7.39 -22.46
CA ASN A 132 -1.90 -7.29 -22.07
C ASN A 132 -1.77 -6.12 -21.08
N VAL A 133 -1.60 -6.45 -19.81
CA VAL A 133 -1.68 -5.51 -18.69
C VAL A 133 -0.36 -5.41 -17.93
N GLY A 134 0.00 -4.19 -17.58
CA GLY A 134 1.17 -3.90 -16.73
C GLY A 134 0.67 -3.43 -15.39
N VAL A 135 1.10 -4.11 -14.31
CA VAL A 135 0.57 -3.83 -12.96
C VAL A 135 1.76 -3.49 -12.07
N GLY A 136 1.72 -2.35 -11.41
CA GLY A 136 2.86 -2.01 -10.58
C GLY A 136 2.72 -0.63 -10.02
N GLY A 137 3.84 0.03 -9.81
CA GLY A 137 3.77 1.33 -9.14
C GLY A 137 4.38 1.12 -7.80
N ASN A 138 3.58 1.45 -6.80
CA ASN A 138 3.94 1.29 -5.41
C ASN A 138 3.90 -0.18 -4.98
N ILE A 139 3.48 -1.06 -5.86
CA ILE A 139 3.78 -2.48 -5.69
C ILE A 139 4.35 -3.10 -6.95
N GLY A 140 4.89 -4.30 -6.82
CA GLY A 140 5.50 -4.97 -7.98
C GLY A 140 6.56 -4.08 -8.57
N LEU A 141 6.67 -4.08 -9.90
CA LEU A 141 7.68 -3.24 -10.51
C LEU A 141 7.44 -1.74 -10.27
N PRO A 142 8.52 -1.00 -10.09
CA PRO A 142 8.47 0.42 -10.39
C PRO A 142 7.83 0.66 -11.75
N ALA A 143 7.03 1.72 -11.85
CA ALA A 143 6.20 1.94 -13.01
C ALA A 143 6.98 2.05 -14.30
N LEU A 144 8.17 2.66 -14.26
CA LEU A 144 8.93 2.82 -15.50
C LEU A 144 9.37 1.49 -16.08
N MET A 145 9.50 0.47 -15.23
CA MET A 145 9.77 -0.89 -15.68
C MET A 145 8.64 -1.62 -16.39
N LEU A 146 7.44 -1.04 -16.34
CA LEU A 146 6.26 -1.57 -17.01
C LEU A 146 6.13 -1.07 -18.44
N LEU A 147 6.75 0.06 -18.75
CA LEU A 147 6.52 0.70 -20.07
C LEU A 147 6.83 -0.27 -21.21
N ASP A 148 5.83 -0.46 -22.05
CA ASP A 148 5.94 -1.41 -23.15
C ASP A 148 4.89 -1.04 -24.19
N ASP A 149 5.32 -0.93 -25.46
CA ASP A 149 4.40 -0.61 -26.56
C ASP A 149 3.29 -1.60 -26.77
N GLU A 150 3.47 -2.83 -26.28
CA GLU A 150 2.47 -3.87 -26.43
C GLU A 150 1.42 -3.85 -25.32
N CYS A 151 1.70 -3.08 -24.27
CA CYS A 151 0.79 -3.03 -23.15
CA CYS A 151 0.79 -3.00 -23.13
C CYS A 151 -0.50 -2.34 -23.57
N GLU A 152 -1.63 -2.92 -23.18
CA GLU A 152 -2.96 -2.41 -23.54
C GLU A 152 -3.65 -1.68 -22.38
N LEU A 153 -3.14 -1.88 -21.17
CA LEU A 153 -3.73 -1.27 -19.97
C LEU A 153 -2.64 -1.25 -18.88
N TYR A 154 -2.52 -0.12 -18.16
CA TYR A 154 -1.68 -0.11 -16.97
C TYR A 154 -2.57 0.02 -15.75
N VAL A 155 -2.19 -0.67 -14.67
CA VAL A 155 -2.93 -0.57 -13.40
C VAL A 155 -1.85 -0.24 -12.36
N LEU A 156 -1.96 0.98 -11.81
CA LEU A 156 -0.91 1.47 -10.90
C LEU A 156 -1.47 1.67 -9.49
N GLU A 157 -0.74 1.11 -8.54
CA GLU A 157 -0.94 1.47 -7.14
C GLU A 157 -0.11 2.72 -6.89
N LEU A 158 -0.75 3.77 -6.40
CA LEU A 158 -0.05 5.06 -6.17
C LEU A 158 -0.16 5.44 -4.71
N SER A 159 0.96 5.85 -4.12
CA SER A 159 0.92 6.37 -2.76
C SER A 159 0.66 7.88 -2.73
N SER A 160 0.25 8.36 -1.58
CA SER A 160 0.07 9.83 -1.44
C SER A 160 1.41 10.51 -1.82
N PHE A 161 2.55 9.95 -1.41
CA PHE A 161 3.83 10.61 -1.71
C PHE A 161 4.08 10.68 -3.21
N GLN A 162 3.81 9.59 -3.93
CA GLN A 162 3.98 9.62 -5.39
C GLN A 162 3.05 10.66 -6.02
N LEU A 163 1.83 10.76 -5.50
CA LEU A 163 0.88 11.69 -6.09
C LEU A 163 1.34 13.15 -5.90
N GLU A 164 2.02 13.47 -4.81
CA GLU A 164 2.45 14.87 -4.60
C GLU A 164 3.36 15.38 -5.74
N THR A 165 4.12 14.47 -6.37
CA THR A 165 5.03 14.87 -7.43
C THR A 165 4.54 14.59 -8.82
N THR A 166 3.25 14.24 -8.97
CA THR A 166 2.70 13.86 -10.25
C THR A 166 1.68 14.92 -10.69
N SER A 167 1.79 15.37 -11.93
CA SER A 167 0.90 16.41 -12.47
C SER A 167 0.21 16.00 -13.78
N SER A 168 0.75 14.98 -14.49
CA SER A 168 0.24 14.61 -15.82
C SER A 168 -0.59 13.32 -15.89
N LEU A 169 -1.01 12.80 -14.74
CA LEU A 169 -1.87 11.63 -14.76
C LEU A 169 -3.26 12.01 -15.26
N GLN A 170 -3.77 11.26 -16.24
CA GLN A 170 -5.15 11.44 -16.72
C GLN A 170 -5.71 10.02 -16.75
N ALA A 171 -6.08 9.53 -15.58
CA ALA A 171 -6.47 8.12 -15.46
C ALA A 171 -7.77 7.84 -16.17
N VAL A 172 -7.91 6.67 -16.80
CA VAL A 172 -9.22 6.32 -17.32
C VAL A 172 -10.19 6.10 -16.15
N ALA A 173 -9.66 5.64 -15.04
CA ALA A 173 -10.48 5.45 -13.84
C ALA A 173 -9.53 5.57 -12.65
N ALA A 174 -9.94 6.35 -11.65
CA ALA A 174 -9.11 6.56 -10.46
C ALA A 174 -10.00 6.46 -9.21
N THR A 175 -9.41 5.92 -8.14
CA THR A 175 -10.07 5.86 -6.84
C THR A 175 -9.15 6.25 -5.68
N ILE A 176 -9.76 6.87 -4.67
CA ILE A 176 -9.22 6.84 -3.31
C ILE A 176 -10.09 5.88 -2.53
N LEU A 177 -9.53 4.75 -2.08
CA LEU A 177 -10.41 3.77 -1.42
C LEU A 177 -10.94 4.20 -0.04
N ASN A 178 -10.11 4.93 0.69
CA ASN A 178 -10.42 5.39 2.04
C ASN A 178 -9.27 6.29 2.48
N VAL A 179 -9.52 7.10 3.51
CA VAL A 179 -8.46 7.96 4.08
C VAL A 179 -8.53 7.82 5.57
N THR A 180 -7.54 7.18 6.17
CA THR A 180 -7.48 7.10 7.63
C THR A 180 -6.07 7.54 8.02
N GLU A 181 -5.92 8.02 9.24
CA GLU A 181 -4.66 8.64 9.65
C GLU A 181 -3.46 7.74 9.32
N ASP A 182 -2.53 8.27 8.54
CA ASP A 182 -1.27 7.59 8.21
C ASP A 182 -0.24 8.62 7.76
N HIS A 183 1.03 8.26 7.83
CA HIS A 183 2.10 9.10 7.30
C HIS A 183 2.16 10.46 7.94
N MET A 184 1.74 10.57 9.20
CA MET A 184 1.70 11.88 9.83
C MET A 184 3.09 12.46 9.99
N ASP A 185 4.12 11.59 10.01
CA ASP A 185 5.51 12.07 10.03
C ASP A 185 5.90 12.87 8.80
N ARG A 186 5.11 12.78 7.75
CA ARG A 186 5.36 13.44 6.44
C ARG A 186 4.31 14.50 6.16
N TYR A 187 3.33 14.66 7.05
CA TYR A 187 2.22 15.61 6.81
C TYR A 187 1.98 16.47 8.02
N PRO A 188 2.83 17.51 8.22
CA PRO A 188 2.74 18.33 9.44
C PRO A 188 1.50 19.26 9.48
N PHE A 189 0.76 19.30 8.35
CA PHE A 189 -0.58 19.93 8.39
C PHE A 189 -1.68 18.89 8.49
N GLY A 190 -1.30 17.71 8.94
CA GLY A 190 -2.29 16.73 9.46
C GLY A 190 -3.16 16.04 8.42
N LEU A 191 -4.31 15.52 8.90
CA LEU A 191 -5.10 14.63 8.05
C LEU A 191 -5.52 15.29 6.71
N GLN A 192 -5.90 16.56 6.77
CA GLN A 192 -6.36 17.18 5.54
C GLN A 192 -5.25 17.34 4.50
N GLN A 193 -4.00 17.52 4.96
CA GLN A 193 -2.87 17.62 4.03
C GLN A 193 -2.58 16.29 3.33
N TYR A 194 -2.62 15.21 4.10
CA TYR A 194 -2.53 13.86 3.54
C TYR A 194 -3.67 13.58 2.54
N ARG A 195 -4.90 13.90 2.95
CA ARG A 195 -6.05 13.77 2.05
C ARG A 195 -5.81 14.55 0.76
N ALA A 196 -5.34 15.79 0.89
CA ALA A 196 -5.10 16.64 -0.32
C ALA A 196 -4.13 15.97 -1.30
N ALA A 197 -3.11 15.31 -0.79
CA ALA A 197 -2.20 14.60 -1.67
C ALA A 197 -2.93 13.48 -2.44
N LEU A 199 -6.19 13.35 -3.13
CA LEU A 199 -7.16 13.96 -4.05
C LEU A 199 -6.59 14.32 -5.41
N ARG A 200 -5.27 14.49 -5.50
CA ARG A 200 -4.62 14.76 -6.78
C ARG A 200 -4.95 13.65 -7.79
N ILE A 201 -5.26 12.44 -7.33
CA ILE A 201 -5.41 11.32 -8.26
C ILE A 201 -6.63 11.53 -9.18
N TYR A 202 -7.59 12.32 -8.76
CA TYR A 202 -8.81 12.54 -9.55
C TYR A 202 -8.66 13.60 -10.64
N GLU A 203 -7.59 14.41 -10.57
CA GLU A 203 -7.46 15.51 -11.53
CA GLU A 203 -7.43 15.51 -11.52
C GLU A 203 -7.32 14.95 -12.95
N ASN A 204 -8.20 15.40 -13.85
CA ASN A 204 -8.22 14.89 -15.23
C ASN A 204 -8.50 13.39 -15.37
N ALA A 205 -9.05 12.76 -14.32
CA ALA A 205 -9.56 11.38 -14.47
C ALA A 205 -10.84 11.35 -15.27
N LYS A 206 -10.99 10.35 -16.14
CA LYS A 206 -12.23 10.23 -16.91
C LYS A 206 -13.39 9.81 -16.01
N VAL A 207 -13.11 8.82 -15.17
CA VAL A 207 -14.07 8.37 -14.16
C VAL A 207 -13.42 8.39 -12.79
N CYS A 208 -14.10 8.97 -11.79
CA CYS A 208 -13.65 8.92 -10.40
CA CYS A 208 -13.64 8.88 -10.40
C CYS A 208 -14.53 7.92 -9.68
N VAL A 209 -13.91 7.05 -8.92
CA VAL A 209 -14.61 6.04 -8.11
C VAL A 209 -14.38 6.38 -6.64
N VAL A 210 -15.45 6.68 -5.91
CA VAL A 210 -15.33 7.16 -4.53
C VAL A 210 -15.99 6.16 -3.61
N ASN A 211 -15.66 6.24 -2.33
CA ASN A 211 -16.25 5.37 -1.30
C ASN A 211 -17.40 6.12 -0.65
N ALA A 212 -18.62 5.65 -0.89
CA ALA A 212 -19.82 6.30 -0.35
C ALA A 212 -19.82 6.37 1.17
N ASP A 213 -19.04 5.49 1.80
CA ASP A 213 -19.02 5.43 3.27
C ASP A 213 -17.83 6.21 3.87
N ASP A 214 -17.03 6.86 3.03
CA ASP A 214 -15.88 7.65 3.52
C ASP A 214 -15.82 9.00 2.80
N ALA A 215 -16.41 10.03 3.42
CA ALA A 215 -16.52 11.34 2.79
C ALA A 215 -15.18 11.93 2.38
N LEU A 216 -14.10 11.54 3.04
CA LEU A 216 -12.79 12.08 2.69
C LEU A 216 -12.29 11.62 1.32
N THR A 217 -12.93 10.56 0.79
CA THR A 217 -12.55 10.10 -0.55
C THR A 217 -13.20 10.92 -1.66
N MET A 218 -14.12 11.82 -1.32
CA MET A 218 -14.85 12.55 -2.36
C MET A 218 -14.08 13.83 -2.69
N PRO A 219 -14.04 14.19 -3.97
CA PRO A 219 -13.45 15.50 -4.27
C PRO A 219 -14.08 16.66 -3.48
N ILE A 220 -13.30 17.73 -3.28
CA ILE A 220 -13.76 18.90 -2.55
C ILE A 220 -14.91 19.57 -3.32
N ARG A 221 -14.73 19.67 -4.64
CA ARG A 221 -15.78 19.95 -5.61
C ARG A 221 -15.54 19.05 -6.83
N ARG A 226 -20.70 13.55 -9.69
CA ARG A 226 -20.39 12.91 -10.95
C ARG A 226 -19.38 11.75 -10.81
N CYS A 227 -19.03 11.37 -9.58
CA CYS A 227 -18.24 10.15 -9.39
C CYS A 227 -19.14 8.94 -9.25
N VAL A 228 -18.64 7.78 -9.68
CA VAL A 228 -19.26 6.49 -9.44
C VAL A 228 -18.87 6.13 -7.99
N SER A 229 -19.78 5.54 -7.24
CA SER A 229 -19.46 5.17 -5.86
C SER A 229 -19.59 3.71 -5.55
N PHE A 230 -18.80 3.26 -4.58
CA PHE A 230 -19.01 1.94 -3.96
C PHE A 230 -19.27 2.10 -2.45
N GLY A 231 -20.01 1.16 -1.87
CA GLY A 231 -20.17 1.18 -0.42
C GLY A 231 -20.83 -0.08 0.10
N VAL A 232 -21.15 -0.09 1.38
CA VAL A 232 -21.71 -1.29 2.01
C VAL A 232 -23.22 -1.32 1.78
N ASN A 233 -23.96 -0.35 2.33
CA ASN A 233 -25.42 -0.34 2.18
C ASN A 233 -25.90 0.72 1.20
N MET A 234 -24.96 1.42 0.58
CA MET A 234 -25.30 2.46 -0.38
C MET A 234 -24.16 2.59 -1.38
N GLY A 235 -24.43 3.23 -2.51
CA GLY A 235 -23.43 3.37 -3.57
C GLY A 235 -23.94 2.76 -4.87
N ASP A 236 -23.35 3.16 -5.98
CA ASP A 236 -23.68 2.55 -7.28
C ASP A 236 -23.33 1.06 -7.29
N TYR A 237 -22.20 0.74 -6.67
CA TYR A 237 -21.76 -0.63 -6.38
C TYR A 237 -21.90 -0.83 -4.89
N HIS A 238 -22.67 -1.82 -4.47
CA HIS A 238 -22.86 -2.04 -3.04
C HIS A 238 -23.13 -3.51 -2.70
N LEU A 239 -23.30 -3.77 -1.42
CA LEU A 239 -23.56 -5.14 -0.95
C LEU A 239 -25.03 -5.33 -0.60
N ASN A 240 -25.52 -6.54 -0.82
CA ASN A 240 -26.91 -6.92 -0.57
C ASN A 240 -26.79 -8.17 0.30
N HIS A 241 -27.23 -8.08 1.56
CA HIS A 241 -27.16 -9.24 2.44
C HIS A 241 -28.46 -10.04 2.33
N GLN A 242 -28.32 -11.35 2.13
CA GLN A 242 -29.45 -12.26 1.97
C GLN A 242 -29.25 -13.43 2.93
N GLN A 243 -29.65 -13.25 4.20
CA GLN A 243 -29.89 -14.40 5.09
C GLN A 243 -28.64 -15.24 5.30
N GLY A 244 -27.60 -14.66 5.90
CA GLY A 244 -26.31 -15.34 6.00
C GLY A 244 -25.64 -15.55 4.65
N GLU A 245 -25.90 -14.64 3.71
CA GLU A 245 -25.19 -14.61 2.42
C GLU A 245 -25.04 -13.16 1.98
N THR A 246 -23.99 -12.89 1.21
CA THR A 246 -23.72 -11.55 0.75
C THR A 246 -23.54 -11.57 -0.76
N TRP A 247 -24.14 -10.58 -1.41
CA TRP A 247 -23.97 -10.39 -2.83
C TRP A 247 -23.35 -9.06 -3.17
N LEU A 248 -22.51 -9.04 -4.21
CA LEU A 248 -22.11 -7.79 -4.86
C LEU A 248 -23.23 -7.38 -5.81
N ARG A 249 -23.59 -6.11 -5.77
CA ARG A 249 -24.64 -5.60 -6.66
C ARG A 249 -24.16 -4.34 -7.40
N VAL A 250 -24.70 -4.13 -8.57
CA VAL A 250 -24.44 -2.90 -9.31
C VAL A 250 -25.79 -2.29 -9.63
N LYS A 251 -26.04 -1.11 -9.06
CA LYS A 251 -27.34 -0.44 -9.23
C LYS A 251 -28.55 -1.36 -9.01
N GLY A 252 -28.55 -2.15 -7.96
CA GLY A 252 -29.74 -2.98 -7.73
C GLY A 252 -29.71 -4.37 -8.34
N GLU A 253 -28.79 -4.61 -9.29
CA GLU A 253 -28.72 -5.92 -9.97
C GLU A 253 -27.63 -6.80 -9.28
N LYS A 254 -27.98 -8.03 -8.89
CA LYS A 254 -26.96 -8.93 -8.35
C LYS A 254 -25.97 -9.31 -9.44
N VAL A 255 -24.68 -9.29 -9.07
CA VAL A 255 -23.64 -9.69 -10.01
C VAL A 255 -22.77 -10.84 -9.47
N LEU A 256 -22.65 -10.97 -8.14
CA LEU A 256 -21.82 -12.11 -7.62
C LEU A 256 -22.20 -12.44 -6.18
N ASN A 257 -22.45 -13.72 -5.92
CA ASN A 257 -22.62 -14.23 -4.56
C ASN A 257 -21.19 -14.42 -4.00
N VAL A 258 -20.87 -13.76 -2.90
CA VAL A 258 -19.46 -13.75 -2.44
C VAL A 258 -18.98 -15.14 -1.99
N LYS A 259 -19.86 -16.14 -1.90
CA LYS A 259 -19.40 -17.49 -1.61
CA LYS A 259 -19.41 -17.50 -1.61
C LYS A 259 -18.47 -17.99 -2.71
N GLU A 260 -18.53 -17.35 -3.88
CA GLU A 260 -17.70 -17.76 -4.99
C GLU A 260 -16.31 -17.14 -4.90
N MET A 261 -16.15 -16.12 -4.06
CA MET A 261 -14.83 -15.49 -3.84
C MET A 261 -14.00 -16.36 -2.90
N LYS A 262 -12.69 -16.28 -3.07
CA LYS A 262 -11.76 -16.90 -2.10
C LYS A 262 -11.44 -15.93 -0.96
N LEU A 263 -11.44 -14.63 -1.21
CA LEU A 263 -11.31 -13.61 -0.15
C LEU A 263 -12.59 -13.57 0.66
N SER A 264 -12.47 -13.20 1.93
CA SER A 264 -13.61 -13.11 2.83
CA SER A 264 -13.63 -13.09 2.80
C SER A 264 -13.54 -11.83 3.62
N GLY A 265 -14.64 -11.49 4.29
CA GLY A 265 -14.67 -10.26 5.05
C GLY A 265 -15.20 -9.05 4.32
N GLN A 266 -16.00 -8.27 5.03
CA GLN A 266 -16.62 -7.08 4.45
C GLN A 266 -15.66 -6.17 3.70
N HIS A 267 -14.50 -5.88 4.28
CA HIS A 267 -13.62 -4.94 3.61
C HIS A 267 -13.05 -5.52 2.30
N ASN A 268 -12.95 -6.85 2.22
CA ASN A 268 -12.58 -7.41 0.93
C ASN A 268 -13.70 -7.45 -0.07
N TYR A 269 -14.92 -7.54 0.42
CA TYR A 269 -16.06 -7.35 -0.49
C TYR A 269 -16.15 -5.95 -1.04
N THR A 270 -15.89 -4.92 -0.23
CA THR A 270 -15.88 -3.56 -0.79
C THR A 270 -14.64 -3.35 -1.67
N ASN A 271 -13.54 -4.04 -1.37
CA ASN A 271 -12.41 -4.01 -2.30
C ASN A 271 -12.84 -4.56 -3.68
N ALA A 272 -13.60 -5.66 -3.66
CA ALA A 272 -14.09 -6.28 -4.90
C ALA A 272 -14.98 -5.32 -5.65
N LEU A 273 -15.84 -4.59 -4.93
CA LEU A 273 -16.73 -3.62 -5.60
C LEU A 273 -15.91 -2.52 -6.25
N ALA A 274 -14.90 -2.01 -5.52
CA ALA A 274 -14.08 -0.93 -6.08
C ALA A 274 -13.34 -1.41 -7.34
N ALA A 275 -12.79 -2.61 -7.25
CA ALA A 275 -12.09 -3.20 -8.41
C ALA A 275 -13.04 -3.34 -9.59
N LEU A 276 -14.27 -3.85 -9.36
CA LEU A 276 -15.24 -3.95 -10.43
C LEU A 276 -15.63 -2.62 -11.04
N ALA A 277 -15.82 -1.61 -10.19
CA ALA A 277 -16.14 -0.27 -10.72
C ALA A 277 -15.01 0.26 -11.62
N LEU A 278 -13.78 0.06 -11.17
CA LEU A 278 -12.62 0.51 -11.98
C LEU A 278 -12.55 -0.27 -13.31
N ALA A 279 -12.69 -1.58 -13.22
CA ALA A 279 -12.61 -2.42 -14.42
C ALA A 279 -13.72 -2.06 -15.41
N ASP A 280 -14.94 -1.90 -14.91
CA ASP A 280 -16.06 -1.49 -15.74
C ASP A 280 -15.72 -0.18 -16.48
N ALA A 281 -15.19 0.78 -15.70
CA ALA A 281 -14.88 2.10 -16.23
C ALA A 281 -13.77 2.05 -17.28
N ALA A 282 -12.86 1.08 -17.12
CA ALA A 282 -11.77 0.86 -18.08
C ALA A 282 -12.23 0.09 -19.31
N GLY A 283 -13.51 -0.31 -19.36
CA GLY A 283 -14.02 -1.05 -20.52
C GLY A 283 -13.77 -2.54 -20.55
N LEU A 284 -13.34 -3.12 -19.42
CA LEU A 284 -13.18 -4.59 -19.38
C LEU A 284 -14.53 -5.29 -19.32
N PRO A 285 -14.66 -6.44 -20.00
CA PRO A 285 -15.91 -7.21 -19.98
C PRO A 285 -16.26 -7.66 -18.57
N ARG A 286 -17.53 -7.42 -18.21
CA ARG A 286 -18.00 -7.69 -16.88
C ARG A 286 -17.83 -9.18 -16.52
N ALA A 287 -18.17 -10.06 -17.45
CA ALA A 287 -18.10 -11.50 -17.18
C ALA A 287 -16.71 -11.97 -16.76
N SER A 288 -15.67 -11.56 -17.49
CA SER A 288 -14.30 -11.96 -17.14
C SER A 288 -13.81 -11.29 -15.85
N SER A 289 -14.33 -10.09 -15.57
CA SER A 289 -14.01 -9.41 -14.33
C SER A 289 -14.54 -10.17 -13.14
N LEU A 290 -15.78 -10.67 -13.25
CA LEU A 290 -16.39 -11.45 -12.19
C LEU A 290 -15.62 -12.75 -12.01
N LYS A 291 -15.16 -13.35 -13.10
CA LYS A 291 -14.41 -14.62 -13.02
C LYS A 291 -13.10 -14.42 -12.20
N ALA A 292 -12.46 -13.29 -12.41
CA ALA A 292 -11.21 -12.99 -11.69
C ALA A 292 -11.46 -12.84 -10.19
N LEU A 293 -12.60 -12.27 -9.83
CA LEU A 293 -12.96 -12.20 -8.41
C LEU A 293 -13.06 -13.58 -7.76
N THR A 294 -13.35 -14.62 -8.55
CA THR A 294 -13.51 -15.95 -7.96
C THR A 294 -12.18 -16.71 -7.87
N THR A 295 -11.18 -16.26 -8.62
CA THR A 295 -9.93 -17.02 -8.70
C THR A 295 -8.87 -16.41 -7.78
N PHE A 296 -9.03 -15.13 -7.47
CA PHE A 296 -8.00 -14.41 -6.70
C PHE A 296 -7.88 -14.92 -5.26
N THR A 297 -6.67 -15.30 -4.86
CA THR A 297 -6.44 -15.90 -3.54
C THR A 297 -5.99 -14.99 -2.41
N GLY A 298 -5.55 -13.79 -2.74
CA GLY A 298 -5.08 -12.89 -1.69
C GLY A 298 -3.61 -12.65 -1.94
N LEU A 299 -3.09 -11.62 -1.29
CA LEU A 299 -1.68 -11.31 -1.36
C LEU A 299 -0.95 -11.88 -0.16
N PRO A 300 0.34 -12.19 -0.33
CA PRO A 300 1.18 -12.59 0.80
C PRO A 300 1.22 -11.43 1.82
N HIS A 301 1.22 -11.79 3.10
CA HIS A 301 1.36 -10.84 4.20
C HIS A 301 0.09 -10.08 4.48
N ARG A 302 -0.98 -10.42 3.77
CA ARG A 302 -2.23 -9.73 3.98
C ARG A 302 -3.21 -10.71 4.58
N PHE A 303 -3.37 -10.63 5.91
CA PHE A 303 -4.13 -11.59 6.69
C PHE A 303 -3.95 -13.03 6.20
N GLU A 304 -2.69 -13.44 6.14
CA GLU A 304 -2.32 -14.69 5.52
C GLU A 304 -2.14 -15.78 6.57
N VAL A 305 -2.93 -16.86 6.48
CA VAL A 305 -2.74 -17.98 7.42
C VAL A 305 -1.43 -18.71 7.07
N VAL A 306 -0.44 -18.62 7.95
CA VAL A 306 0.83 -19.25 7.65
C VAL A 306 0.97 -20.64 8.28
N LEU A 307 0.23 -20.87 9.35
CA LEU A 307 0.20 -22.18 10.00
C LEU A 307 -1.15 -22.33 10.71
N GLU A 308 -1.81 -23.45 10.48
CA GLU A 308 -2.96 -23.84 11.29
C GLU A 308 -2.70 -25.26 11.74
N HIS A 309 -2.42 -25.38 13.02
CA HIS A 309 -1.89 -26.63 13.56
C HIS A 309 -2.16 -26.68 15.07
N ASN A 310 -2.50 -27.89 15.54
CA ASN A 310 -2.74 -28.14 16.96
C ASN A 310 -3.76 -27.19 17.57
N GLY A 311 -4.69 -26.76 16.74
CA GLY A 311 -5.79 -25.91 17.19
C GLY A 311 -5.49 -24.44 17.22
N VAL A 312 -4.36 -24.03 16.64
CA VAL A 312 -3.95 -22.63 16.68
C VAL A 312 -3.73 -22.12 15.28
N ARG A 313 -4.26 -20.93 15.00
CA ARG A 313 -4.06 -20.26 13.71
CA ARG A 313 -4.05 -20.28 13.71
C ARG A 313 -3.05 -19.15 13.92
N TRP A 314 -1.99 -19.17 13.10
CA TRP A 314 -0.97 -18.13 13.14
C TRP A 314 -1.16 -17.35 11.84
N ILE A 315 -1.40 -16.05 11.97
CA ILE A 315 -1.78 -15.21 10.85
CA ILE A 315 -1.77 -15.22 10.84
C ILE A 315 -0.75 -14.10 10.65
N ASN A 316 -0.17 -14.07 9.45
CA ASN A 316 0.74 -13.01 9.06
C ASN A 316 -0.02 -11.90 8.37
N ASP A 317 -0.29 -10.83 9.13
CA ASP A 317 -0.86 -9.60 8.55
C ASP A 317 0.17 -8.47 8.62
N SER A 318 1.42 -8.80 8.26
CA SER A 318 2.49 -7.81 8.26
C SER A 318 2.21 -6.58 7.36
N LYS A 319 1.34 -6.74 6.38
CA LYS A 319 1.02 -5.60 5.53
CA LYS A 319 1.03 -5.59 5.52
C LYS A 319 0.20 -4.52 6.26
N ALA A 320 -0.29 -4.83 7.48
CA ALA A 320 -1.02 -3.85 8.28
C ALA A 320 -0.03 -2.85 8.87
N THR A 321 0.20 -1.78 8.12
CA THR A 321 1.21 -0.80 8.51
C THR A 321 0.62 0.48 9.06
N ASN A 322 -0.70 0.50 9.23
CA ASN A 322 -1.34 1.65 9.88
C ASN A 322 -2.49 1.20 10.75
N VAL A 323 -3.05 2.13 11.53
CA VAL A 323 -4.12 1.78 12.45
C VAL A 323 -5.36 1.28 11.72
N GLY A 324 -5.71 1.91 10.61
CA GLY A 324 -6.92 1.52 9.85
C GLY A 324 -6.82 0.06 9.43
N SER A 325 -5.64 -0.37 9.03
CA SER A 325 -5.49 -1.72 8.53
C SER A 325 -5.60 -2.73 9.68
N THR A 326 -4.98 -2.45 10.84
CA THR A 326 -5.17 -3.34 11.96
C THR A 326 -6.63 -3.39 12.39
N GLU A 327 -7.30 -2.24 12.34
CA GLU A 327 -8.74 -2.17 12.68
C GLU A 327 -9.53 -3.09 11.76
N ALA A 328 -9.14 -3.16 10.48
CA ALA A 328 -9.85 -4.04 9.53
C ALA A 328 -9.62 -5.51 9.84
N ALA A 329 -8.48 -5.84 10.41
CA ALA A 329 -8.21 -7.22 10.82
C ALA A 329 -9.02 -7.55 12.08
N LEU A 330 -9.12 -6.60 13.01
CA LEU A 330 -9.79 -6.85 14.31
C LEU A 330 -11.31 -6.74 14.32
N ASN A 331 -11.87 -5.90 13.44
CA ASN A 331 -13.27 -5.60 13.49
C ASN A 331 -14.05 -6.80 13.03
N GLY A 332 -14.83 -7.38 13.94
CA GLY A 332 -15.59 -8.58 13.63
C GLY A 332 -14.81 -9.89 13.70
N LEU A 333 -13.56 -9.82 14.16
CA LEU A 333 -12.71 -11.01 14.22
C LEU A 333 -13.28 -12.03 15.19
N HIS A 334 -13.40 -13.28 14.74
CA HIS A 334 -13.79 -14.38 15.64
C HIS A 334 -12.59 -15.19 16.15
N VAL A 335 -12.45 -15.26 17.48
CA VAL A 335 -11.39 -16.04 18.11
C VAL A 335 -12.03 -16.95 19.15
N ASP A 336 -11.74 -18.25 19.08
CA ASP A 336 -12.41 -19.17 20.02
C ASP A 336 -11.83 -19.01 21.42
N GLY A 337 -10.52 -18.94 21.49
CA GLY A 337 -9.81 -18.82 22.75
C GLY A 337 -9.24 -17.42 22.94
N THR A 338 -7.92 -17.34 23.04
CA THR A 338 -7.23 -16.07 23.27
C THR A 338 -6.59 -15.57 21.99
N LEU A 339 -6.72 -14.27 21.77
CA LEU A 339 -6.01 -13.58 20.70
C LEU A 339 -4.68 -13.06 21.22
N HIS A 340 -3.60 -13.54 20.62
CA HIS A 340 -2.25 -13.02 20.95
C HIS A 340 -1.87 -12.10 19.79
N LEU A 341 -1.86 -10.80 20.07
CA LEU A 341 -1.76 -9.79 19.04
C LEU A 341 -0.39 -9.13 19.12
N LEU A 342 0.34 -9.20 18.01
CA LEU A 342 1.66 -8.56 17.92
C LEU A 342 1.54 -7.18 17.27
N LEU A 343 2.03 -6.17 18.02
CA LEU A 343 1.98 -4.78 17.56
C LEU A 343 3.37 -4.20 17.68
N GLY A 344 3.76 -3.40 16.71
CA GLY A 344 5.04 -2.68 16.91
C GLY A 344 5.73 -2.29 15.65
N GLY A 345 6.76 -1.48 15.85
CA GLY A 345 7.48 -0.88 14.74
C GLY A 345 7.48 0.64 14.80
N ASP A 346 7.58 1.26 13.64
CA ASP A 346 7.56 2.73 13.52
C ASP A 346 6.12 3.14 13.21
N GLY A 347 5.47 3.77 14.19
CA GLY A 347 4.07 4.12 14.02
C GLY A 347 3.84 5.43 13.28
N LYS A 348 4.88 6.12 12.81
CA LYS A 348 4.72 7.30 11.94
C LYS A 348 3.88 8.37 12.62
N SER A 349 4.01 8.48 13.95
CA SER A 349 3.27 9.50 14.70
C SER A 349 1.75 9.29 14.76
N ALA A 350 1.29 8.09 14.43
CA ALA A 350 -0.15 7.80 14.51
C ALA A 350 -0.66 7.81 15.93
N ASP A 351 -1.94 8.20 16.09
CA ASP A 351 -2.69 7.94 17.32
C ASP A 351 -3.17 6.49 17.26
N PHE A 352 -2.68 5.63 18.15
CA PHE A 352 -3.13 4.23 18.19
C PHE A 352 -4.45 3.99 18.96
N SER A 353 -4.98 5.02 19.57
CA SER A 353 -6.18 4.94 20.41
C SER A 353 -7.37 4.23 19.78
N PRO A 354 -7.61 4.44 18.47
CA PRO A 354 -8.77 3.76 17.89
C PRO A 354 -8.74 2.24 18.01
N LEU A 355 -7.57 1.64 18.25
CA LEU A 355 -7.48 0.19 18.43
C LEU A 355 -8.05 -0.28 19.78
N ALA A 356 -8.11 0.62 20.78
CA ALA A 356 -8.39 0.18 22.15
C ALA A 356 -9.78 -0.44 22.27
N ARG A 357 -10.71 0.02 21.44
CA ARG A 357 -12.09 -0.48 21.55
C ARG A 357 -12.18 -1.97 21.19
N TYR A 358 -11.17 -2.49 20.48
CA TYR A 358 -11.17 -3.92 20.10
C TYR A 358 -10.43 -4.79 21.10
N LEU A 359 -9.87 -4.17 22.12
CA LEU A 359 -8.93 -4.86 23.00
C LEU A 359 -9.44 -5.15 24.40
N ASN A 360 -10.76 -5.10 24.58
CA ASN A 360 -11.37 -5.36 25.89
C ASN A 360 -11.61 -6.85 26.10
N GLY A 361 -11.95 -7.22 27.32
CA GLY A 361 -12.32 -8.60 27.60
C GLY A 361 -11.17 -9.43 28.10
N ASP A 362 -11.47 -10.69 28.40
CA ASP A 362 -10.54 -11.58 29.07
C ASP A 362 -9.70 -12.38 28.10
N ASN A 363 -9.93 -12.16 26.80
CA ASN A 363 -9.40 -13.08 25.79
C ASN A 363 -8.41 -12.42 24.82
N VAL A 364 -7.72 -11.37 25.28
CA VAL A 364 -6.74 -10.64 24.46
C VAL A 364 -5.42 -10.43 25.22
N ARG A 365 -4.30 -10.72 24.55
CA ARG A 365 -3.00 -10.37 25.05
C ARG A 365 -2.20 -9.61 23.98
N LEU A 366 -1.46 -8.59 24.42
CA LEU A 366 -0.73 -7.76 23.46
C LEU A 366 0.75 -8.03 23.67
N TYR A 367 1.48 -8.12 22.56
CA TYR A 367 2.92 -8.26 22.64
C TYR A 367 3.51 -7.21 21.72
N CYS A 368 4.16 -6.23 22.34
CA CYS A 368 4.45 -4.94 21.71
C CYS A 368 5.94 -4.75 21.57
N PHE A 369 6.40 -4.37 20.37
CA PHE A 369 7.86 -4.35 20.12
C PHE A 369 8.25 -3.17 19.20
N GLY A 370 9.56 -3.06 18.93
CA GLY A 370 10.08 -2.00 18.05
C GLY A 370 9.97 -0.59 18.62
N ARG A 371 10.15 0.38 17.72
CA ARG A 371 10.37 1.76 18.13
C ARG A 371 9.24 2.25 19.04
N ASP A 372 8.00 1.98 18.64
CA ASP A 372 6.82 2.49 19.34
C ASP A 372 6.12 1.48 20.24
N GLY A 373 6.86 0.42 20.60
CA GLY A 373 6.32 -0.62 21.48
C GLY A 373 5.67 -0.09 22.76
N ALA A 374 6.28 0.91 23.40
CA ALA A 374 5.76 1.39 24.67
C ALA A 374 4.40 2.06 24.50
N GLN A 375 4.25 2.82 23.42
CA GLN A 375 2.98 3.49 23.10
C GLN A 375 1.87 2.47 22.86
N LEU A 376 2.22 1.39 22.18
CA LEU A 376 1.27 0.31 21.91
C LEU A 376 0.85 -0.44 23.16
N ALA A 377 1.83 -0.75 24.00
CA ALA A 377 1.51 -1.42 25.27
C ALA A 377 0.56 -0.58 26.12
N ALA A 378 0.71 0.74 26.03
CA ALA A 378 -0.12 1.68 26.78
C ALA A 378 -1.61 1.67 26.40
N LEU A 379 -1.95 1.03 25.28
CA LEU A 379 -3.36 0.83 24.92
C LEU A 379 -4.11 0.07 26.02
N ARG A 380 -3.44 -0.91 26.61
CA ARG A 380 -4.05 -1.64 27.73
C ARG A 380 -2.96 -2.35 28.50
N PRO A 381 -2.32 -1.62 29.42
CA PRO A 381 -1.10 -2.17 30.02
C PRO A 381 -1.32 -3.49 30.76
N GLU A 382 -2.52 -3.71 31.30
CA GLU A 382 -2.77 -4.90 32.14
C GLU A 382 -2.62 -6.20 31.36
N VAL A 383 -2.79 -6.14 30.04
CA VAL A 383 -2.72 -7.36 29.22
C VAL A 383 -1.55 -7.30 28.24
N ALA A 384 -0.65 -6.34 28.44
CA ALA A 384 0.43 -6.09 27.49
C ALA A 384 1.81 -6.47 28.01
N GLU A 385 2.63 -6.97 27.10
CA GLU A 385 4.07 -7.16 27.34
C GLU A 385 4.79 -6.37 26.27
N GLN A 386 5.96 -5.87 26.62
CA GLN A 386 6.80 -5.09 25.67
C GLN A 386 8.15 -5.78 25.56
N THR A 387 8.62 -5.95 24.33
CA THR A 387 9.95 -6.49 24.08
C THR A 387 10.64 -5.58 23.08
N GLU A 388 11.94 -5.76 22.90
CA GLU A 388 12.64 -5.00 21.86
C GLU A 388 12.23 -5.48 20.46
N THR A 389 12.26 -6.80 20.26
CA THR A 389 12.05 -7.31 18.93
C THR A 389 10.85 -8.23 18.81
N MET A 390 10.45 -8.42 17.56
CA MET A 390 9.33 -9.32 17.22
C MET A 390 9.71 -10.77 17.58
N GLU A 391 10.96 -11.16 17.36
CA GLU A 391 11.35 -12.54 17.72
C GLU A 391 11.20 -12.74 19.23
N GLN A 392 11.65 -11.77 20.03
CA GLN A 392 11.46 -11.86 21.47
C GLN A 392 9.99 -11.96 21.85
N ALA A 393 9.15 -11.20 21.18
CA ALA A 393 7.70 -11.23 21.48
C ALA A 393 7.14 -12.61 21.16
N MET A 394 7.51 -13.18 20.00
CA MET A 394 7.07 -14.54 19.63
CA MET A 394 7.02 -14.51 19.69
C MET A 394 7.50 -15.60 20.62
N ARG A 395 8.77 -15.54 21.04
CA ARG A 395 9.28 -16.52 22.00
C ARG A 395 8.61 -16.37 23.36
N LEU A 396 8.21 -15.14 23.71
CA LEU A 396 7.47 -14.89 24.95
C LEU A 396 6.03 -15.44 24.87
N LEU A 397 5.35 -15.25 23.74
CA LEU A 397 3.91 -15.63 23.69
C LEU A 397 3.71 -17.11 23.42
N ALA A 398 4.64 -17.73 22.70
CA ALA A 398 4.41 -19.10 22.26
C ALA A 398 4.08 -20.12 23.37
N PRO A 399 4.82 -20.10 24.50
CA PRO A 399 4.48 -21.03 25.58
C PRO A 399 3.06 -20.84 26.10
N ARG A 400 2.47 -19.66 25.91
CA ARG A 400 1.16 -19.41 26.47
C ARG A 400 0.01 -19.78 25.51
N VAL A 401 0.33 -20.19 24.29
CA VAL A 401 -0.71 -20.46 23.30
C VAL A 401 -1.38 -21.80 23.56
N GLN A 402 -2.72 -21.80 23.55
CA GLN A 402 -3.52 -22.97 23.85
C GLN A 402 -4.40 -23.29 22.63
N PRO A 403 -4.82 -24.56 22.48
CA PRO A 403 -5.79 -24.90 21.41
C PRO A 403 -6.96 -23.93 21.45
N GLY A 404 -7.34 -23.42 20.28
CA GLY A 404 -8.44 -22.44 20.17
C GLY A 404 -7.92 -21.02 20.03
N ASP A 405 -6.63 -20.81 20.34
CA ASP A 405 -6.06 -19.46 20.23
C ASP A 405 -5.74 -19.02 18.79
N MET A 406 -5.52 -17.71 18.64
CA MET A 406 -5.03 -17.12 17.39
C MET A 406 -3.80 -16.30 17.72
N VAL A 407 -2.74 -16.43 16.90
CA VAL A 407 -1.60 -15.52 17.00
C VAL A 407 -1.61 -14.67 15.74
N LEU A 408 -1.73 -13.35 15.93
CA LEU A 408 -1.96 -12.41 14.83
C LEU A 408 -0.86 -11.36 14.81
N LEU A 409 -0.05 -11.35 13.75
CA LEU A 409 0.87 -10.22 13.51
C LEU A 409 0.12 -9.20 12.67
N SER A 410 -0.31 -8.09 13.29
CA SER A 410 -1.02 -7.04 12.51
C SER A 410 -0.55 -5.73 13.15
N PRO A 411 0.64 -5.29 12.76
CA PRO A 411 1.40 -4.51 13.76
C PRO A 411 1.08 -3.01 13.84
N ALA A 412 0.32 -2.48 12.87
CA ALA A 412 -0.19 -1.09 12.82
C ALA A 412 0.89 -0.04 12.56
N CYS A 413 2.04 -0.51 12.10
CA CYS A 413 3.26 0.30 12.00
C CYS A 413 4.08 -0.11 10.80
N ALA A 414 4.90 0.82 10.34
CA ALA A 414 5.89 0.48 9.33
C ALA A 414 6.98 -0.38 9.96
N SER A 415 7.72 -1.07 9.10
CA SER A 415 8.70 -2.08 9.56
C SER A 415 10.13 -1.58 9.57
N LEU A 416 10.37 -0.38 9.06
CA LEU A 416 11.72 0.00 8.67
C LEU A 416 12.70 0.29 9.79
N ASP A 417 12.19 0.45 11.02
CA ASP A 417 13.09 0.62 12.16
C ASP A 417 13.92 -0.65 12.44
N GLN A 418 13.37 -1.83 12.09
CA GLN A 418 14.08 -3.09 12.34
C GLN A 418 14.23 -4.08 11.17
N PHE A 419 13.52 -3.82 10.08
CA PHE A 419 13.43 -4.75 8.95
C PHE A 419 13.71 -4.05 7.64
N LYS A 420 14.11 -4.82 6.64
CA LYS A 420 14.27 -4.33 5.28
C LYS A 420 12.96 -3.80 4.68
N ASN A 421 11.90 -4.55 4.94
CA ASN A 421 10.53 -4.20 4.50
C ASN A 421 9.50 -5.09 5.18
N PHE A 422 8.21 -4.80 4.96
CA PHE A 422 7.18 -5.57 5.67
C PHE A 422 7.17 -7.04 5.21
N GLU A 423 7.68 -7.30 4.00
CA GLU A 423 7.73 -8.71 3.57
C GLU A 423 8.71 -9.48 4.43
N GLN A 424 9.86 -8.87 4.72
CA GLN A 424 10.82 -9.55 5.60
C GLN A 424 10.24 -9.77 7.00
N ARG A 425 9.54 -8.78 7.55
CA ARG A 425 8.87 -8.95 8.82
C ARG A 425 7.89 -10.11 8.78
N GLY A 426 7.09 -10.18 7.72
CA GLY A 426 6.16 -11.31 7.56
C GLY A 426 6.84 -12.67 7.41
N ASN A 427 7.90 -12.73 6.60
CA ASN A 427 8.61 -13.98 6.39
C ASN A 427 9.27 -14.44 7.70
N GLU A 428 9.75 -13.48 8.48
CA GLU A 428 10.40 -13.84 9.73
CA GLU A 428 10.39 -13.82 9.75
C GLU A 428 9.33 -14.37 10.71
N PHE A 429 8.17 -13.71 10.76
CA PHE A 429 7.06 -14.21 11.55
C PHE A 429 6.66 -15.64 11.13
N ALA A 430 6.57 -15.88 9.83
CA ALA A 430 6.16 -17.21 9.36
C ALA A 430 7.16 -18.29 9.78
N ARG A 431 8.46 -18.01 9.63
CA ARG A 431 9.50 -18.96 10.03
C ARG A 431 9.36 -19.27 11.53
N LEU A 432 9.17 -18.23 12.35
CA LEU A 432 9.11 -18.44 13.80
C LEU A 432 7.81 -19.16 14.17
N ALA A 433 6.72 -18.86 13.47
CA ALA A 433 5.44 -19.54 13.72
C ALA A 433 5.61 -21.05 13.47
N LYS A 434 6.30 -21.41 12.39
CA LYS A 434 6.52 -22.82 12.09
C LYS A 434 7.42 -23.49 13.13
N GLU A 435 8.43 -22.78 13.62
CA GLU A 435 9.26 -23.29 14.70
C GLU A 435 8.45 -23.51 15.97
N LEU A 436 7.73 -22.48 16.37
CA LEU A 436 7.12 -22.43 17.70
C LEU A 436 5.77 -23.11 17.73
N GLY A 437 5.19 -23.37 16.57
CA GLY A 437 3.80 -23.84 16.54
C GLY A 437 3.63 -25.32 16.26
N SER A 438 4.73 -26.07 16.32
CA SER A 438 4.68 -27.54 16.28
C SER A 438 5.72 -28.11 17.26
N HIS A 439 5.58 -29.39 17.63
CA HIS A 439 6.47 -29.98 18.64
C HIS A 439 7.80 -30.41 18.06
#